data_2ZGJ
#
_entry.id   2ZGJ
#
_cell.length_a   74.487
_cell.length_b   74.487
_cell.length_c   112.689
_cell.angle_alpha   90.00
_cell.angle_beta   90.00
_cell.angle_gamma   120.00
#
_symmetry.space_group_name_H-M   'P 31 2 1'
#
loop_
_entity.id
_entity.type
_entity.pdbx_description
1 polymer 'Granzyme M'
2 polymer SSGKVPLS
3 non-polymer 'SULFATE ION'
4 water water
#
loop_
_entity_poly.entity_id
_entity_poly.type
_entity_poly.pdbx_seq_one_letter_code
_entity_poly.pdbx_strand_id
1 'polypeptide(L)'
;IIGGREVIPHSRPYMASLQRNGSHLCGGVLVHPKWVLTAAHCLAQRMAQLRLVLGLHTLDSPGLTFHIKAAIQHPRYKPV
PALENNLALLQLDGKVKPSRTIRPLALPSKRQVVAAGTRCSMAGWGLTHQGGRLSRVLRELDLQVLDTRMCNNSRFWNGS
LSPSMVCLAADSKDQAPCKGDSGGPLVCGKGRVLAGVLSFSSRVCTDIFKPPVATAVAPYVSWIRKVTGRSALEHHHHHH
;
A
2 'polypeptide(L)' SSGKVPLS B
#
loop_
_chem_comp.id
_chem_comp.type
_chem_comp.name
_chem_comp.formula
SO4 non-polymer 'SULFATE ION' 'O4 S -2'
#
# COMPACT_ATOMS: atom_id res chain seq x y z
N ILE A 1 8.31 4.32 6.49
CA ILE A 1 8.81 5.43 5.64
C ILE A 1 10.12 6.06 6.19
N ILE A 2 11.16 6.07 5.37
CA ILE A 2 12.42 6.73 5.71
C ILE A 2 12.37 8.20 5.22
N GLY A 3 12.77 9.15 6.05
CA GLY A 3 12.74 10.57 5.66
C GLY A 3 11.34 11.15 5.39
N GLY A 4 10.31 10.63 6.03
CA GLY A 4 8.96 11.11 5.79
C GLY A 4 8.45 12.06 6.84
N ARG A 5 7.25 12.59 6.66
CA ARG A 5 6.74 13.50 7.68
C ARG A 5 5.47 12.97 8.32
N GLU A 6 5.34 13.25 9.62
CA GLU A 6 4.17 12.91 10.38
C GLU A 6 2.97 13.56 9.71
N VAL A 7 1.91 12.79 9.50
CA VAL A 7 0.68 13.34 8.94
C VAL A 7 -0.02 14.11 10.04
N ILE A 8 -0.73 15.17 9.64
CA ILE A 8 -1.77 15.74 10.50
C ILE A 8 -2.67 14.57 10.93
N PRO A 9 -2.81 14.35 12.25
CA PRO A 9 -3.57 13.22 12.78
C PRO A 9 -4.94 13.05 12.09
N HIS A 10 -5.21 11.83 11.60
CA HIS A 10 -6.51 11.50 11.02
C HIS A 10 -6.82 12.21 9.68
N SER A 11 -5.79 12.71 8.99
CA SER A 11 -5.98 13.36 7.69
C SER A 11 -6.06 12.34 6.54
N ARG A 12 -5.85 11.06 6.87
CA ARG A 12 -5.94 10.00 5.90
C ARG A 12 -6.81 8.88 6.49
N PRO A 13 -8.12 9.17 6.66
CA PRO A 13 -9.02 8.30 7.42
C PRO A 13 -9.27 6.95 6.73
N TYR A 14 -8.79 6.79 5.50
CA TYR A 14 -8.96 5.56 4.76
C TYR A 14 -7.85 4.55 5.13
N MET A 15 -6.88 4.97 5.97
CA MET A 15 -5.72 4.10 6.38
C MET A 15 -6.05 2.97 7.35
N ALA A 16 -5.60 1.77 6.99
CA ALA A 16 -5.67 0.59 7.86
C ALA A 16 -4.24 0.13 8.24
N SER A 17 -4.09 -0.40 9.45
CA SER A 17 -2.92 -1.13 9.83
C SER A 17 -3.33 -2.60 9.92
N LEU A 18 -2.68 -3.48 9.15
CA LEU A 18 -2.90 -4.93 9.30
C LEU A 18 -1.91 -5.42 10.34
N GLN A 19 -2.37 -6.13 11.35
CA GLN A 19 -1.57 -6.44 12.53
C GLN A 19 -1.61 -7.89 12.90
N ARG A 20 -0.44 -8.44 13.21
CA ARG A 20 -0.28 -9.81 13.69
C ARG A 20 0.04 -9.79 15.18
N ASN A 21 -0.84 -10.34 16.02
CA ASN A 21 -0.65 -10.30 17.46
C ASN A 21 -0.44 -8.90 18.05
N GLY A 22 -1.21 -7.92 17.58
CA GLY A 22 -1.09 -6.56 18.08
C GLY A 22 0.11 -5.78 17.57
N SER A 23 0.95 -6.42 16.73
CA SER A 23 2.06 -5.74 16.02
C SER A 23 1.88 -5.44 14.51
N HIS A 24 2.04 -4.16 14.13
CA HIS A 24 1.91 -3.71 12.73
C HIS A 24 2.70 -4.53 11.70
N LEU A 25 2.03 -4.94 10.64
CA LEU A 25 2.57 -5.81 9.61
C LEU A 25 2.61 -5.12 8.22
N CYS A 26 1.47 -4.59 7.79
CA CYS A 26 1.34 -3.94 6.50
C CYS A 26 0.30 -2.80 6.59
N GLY A 27 0.37 -1.85 5.67
CA GLY A 27 -0.72 -0.87 5.50
C GLY A 27 -1.84 -1.50 4.64
N GLY A 28 -2.95 -0.79 4.57
CA GLY A 28 -4.09 -1.14 3.78
C GLY A 28 -4.91 0.14 3.55
N VAL A 29 -5.85 0.09 2.62
CA VAL A 29 -6.75 1.20 2.37
C VAL A 29 -8.15 0.63 2.43
N LEU A 30 -8.99 1.29 3.21
CA LEU A 30 -10.42 1.03 3.19
C LEU A 30 -11.10 1.60 1.90
N VAL A 31 -11.68 0.69 1.12
CA VAL A 31 -12.23 1.02 -0.20
C VAL A 31 -13.75 0.68 -0.25
N HIS A 32 -14.27 0.19 0.87
CA HIS A 32 -15.68 -0.08 1.00
C HIS A 32 -15.94 -0.16 2.51
N PRO A 33 -17.16 0.18 2.96
CA PRO A 33 -17.46 -0.01 4.40
C PRO A 33 -17.05 -1.37 5.04
N LYS A 34 -16.93 -2.44 4.25
CA LYS A 34 -16.64 -3.77 4.78
C LYS A 34 -15.29 -4.39 4.32
N TRP A 35 -14.51 -3.65 3.52
CA TRP A 35 -13.32 -4.19 2.87
C TRP A 35 -12.11 -3.26 2.90
N VAL A 36 -10.96 -3.80 3.24
CA VAL A 36 -9.69 -3.11 3.11
C VAL A 36 -8.92 -3.76 1.95
N LEU A 37 -8.30 -2.95 1.09
CA LEU A 37 -7.46 -3.46 0.01
C LEU A 37 -5.99 -3.36 0.45
N THR A 38 -5.20 -4.43 0.27
CA THR A 38 -3.85 -4.42 0.74
C THR A 38 -3.05 -5.25 -0.25
N ALA A 39 -1.80 -5.52 0.10
CA ALA A 39 -0.90 -6.33 -0.74
C ALA A 39 -1.07 -7.81 -0.45
N ALA A 40 -1.11 -8.63 -1.52
CA ALA A 40 -1.25 -10.06 -1.30
C ALA A 40 -0.16 -10.73 -0.45
N HIS A 41 1.08 -10.29 -0.57
CA HIS A 41 2.17 -10.99 0.15
C HIS A 41 2.05 -10.84 1.66
N CYS A 42 1.27 -9.85 2.10
CA CYS A 42 1.02 -9.55 3.51
C CYS A 42 0.19 -10.63 4.24
N LEU A 43 -0.29 -11.61 3.49
CA LEU A 43 -1.31 -12.51 4.00
C LEU A 43 -0.75 -13.85 4.09
N ALA A 44 0.57 -13.94 3.87
CA ALA A 44 1.32 -15.19 4.10
C ALA A 44 1.47 -15.44 5.61
N GLN A 45 0.32 -15.59 6.29
CA GLN A 45 0.24 -15.62 7.76
C GLN A 45 -0.92 -16.51 8.29
N ARG A 46 -0.85 -16.77 9.59
CA ARG A 46 -1.94 -17.37 10.35
C ARG A 46 -2.98 -16.27 10.45
N MET A 47 -4.02 -16.39 9.62
CA MET A 47 -5.17 -15.50 9.63
C MET A 47 -5.79 -15.33 11.04
N ALA A 48 -5.87 -16.41 11.82
CA ALA A 48 -6.39 -16.34 13.20
C ALA A 48 -5.75 -15.24 14.08
N GLN A 49 -4.50 -14.89 13.80
CA GLN A 49 -3.75 -13.89 14.60
C GLN A 49 -3.69 -12.45 14.00
N LEU A 50 -4.36 -12.26 12.88
CA LEU A 50 -4.40 -10.99 12.17
C LEU A 50 -5.63 -10.14 12.57
N ARG A 51 -5.42 -8.84 12.62
CA ARG A 51 -6.52 -7.87 12.79
C ARG A 51 -6.24 -6.69 11.91
N LEU A 52 -7.31 -5.97 11.57
CA LEU A 52 -7.25 -4.67 10.91
C LEU A 52 -7.71 -3.63 11.90
N VAL A 53 -6.92 -2.56 12.01
CA VAL A 53 -7.16 -1.47 12.94
C VAL A 53 -7.28 -0.16 12.17
N LEU A 54 -8.42 0.49 12.29
CA LEU A 54 -8.76 1.69 11.54
C LEU A 54 -8.78 2.93 12.45
N GLY A 55 -8.56 4.09 11.87
CA GLY A 55 -8.70 5.36 12.63
C GLY A 55 -7.50 5.69 13.49
N LEU A 56 -6.37 5.06 13.18
CA LEU A 56 -5.12 5.30 13.92
C LEU A 56 -4.34 6.52 13.47
N HIS A 57 -3.55 7.02 14.42
CA HIS A 57 -2.44 7.86 14.12
C HIS A 57 -1.16 7.29 14.76
N THR A 58 -1.22 7.13 16.09
CA THR A 58 -0.19 6.46 16.84
C THR A 58 -0.54 5.02 16.84
N LEU A 59 0.44 4.21 16.47
CA LEU A 59 0.30 2.77 16.51
C LEU A 59 -0.05 2.32 17.93
N ASP A 60 0.48 3.02 18.92
CA ASP A 60 0.26 2.72 20.32
C ASP A 60 -1.10 3.17 20.85
N SER A 61 -2.17 2.88 20.14
CA SER A 61 -3.47 3.30 20.63
C SER A 61 -4.53 2.29 20.19
N PRO A 62 -5.68 2.24 20.89
CA PRO A 62 -6.71 1.27 20.49
C PRO A 62 -7.05 1.34 18.99
N GLY A 63 -7.50 2.51 18.52
CA GLY A 63 -8.17 2.63 17.23
C GLY A 63 -9.29 1.62 17.19
N LEU A 64 -9.97 1.53 16.06
CA LEU A 64 -11.15 0.66 15.93
C LEU A 64 -10.78 -0.69 15.24
N THR A 65 -10.90 -1.79 15.99
CA THR A 65 -10.37 -3.06 15.52
C THR A 65 -11.41 -4.03 14.97
N PHE A 66 -11.04 -4.66 13.87
CA PHE A 66 -11.86 -5.66 13.17
C PHE A 66 -11.12 -6.98 13.02
N HIS A 67 -11.86 -8.07 13.20
CA HIS A 67 -11.41 -9.39 12.81
C HIS A 67 -11.63 -9.44 11.31
N ILE A 68 -11.01 -10.41 10.66
CA ILE A 68 -11.10 -10.58 9.21
C ILE A 68 -11.89 -11.88 8.93
N LYS A 69 -12.90 -11.77 8.09
CA LYS A 69 -13.78 -12.89 7.78
C LYS A 69 -13.20 -13.66 6.59
N ALA A 70 -12.60 -12.91 5.68
CA ALA A 70 -12.02 -13.49 4.46
C ALA A 70 -10.93 -12.60 3.87
N ALA A 71 -10.01 -13.26 3.22
CA ALA A 71 -8.84 -12.66 2.60
C ALA A 71 -8.88 -13.21 1.16
N ILE A 72 -9.16 -12.32 0.19
CA ILE A 72 -9.35 -12.77 -1.20
C ILE A 72 -8.13 -12.21 -1.96
N GLN A 73 -7.10 -13.03 -2.16
CA GLN A 73 -5.92 -12.70 -2.99
C GLN A 73 -6.34 -12.64 -4.47
N HIS A 74 -5.83 -11.68 -5.25
CA HIS A 74 -6.11 -11.65 -6.69
C HIS A 74 -5.93 -13.06 -7.20
N PRO A 75 -6.91 -13.58 -8.02
CA PRO A 75 -6.83 -14.94 -8.61
C PRO A 75 -5.56 -15.30 -9.33
N ARG A 76 -4.79 -14.31 -9.80
CA ARG A 76 -3.53 -14.64 -10.49
C ARG A 76 -2.28 -14.06 -9.77
N TYR A 77 -2.41 -13.91 -8.45
CA TYR A 77 -1.30 -13.51 -7.61
C TYR A 77 -0.18 -14.50 -7.84
N LYS A 78 1.02 -14.00 -8.11
CA LYS A 78 2.16 -14.89 -8.22
C LYS A 78 3.14 -14.35 -7.21
N PRO A 79 3.57 -15.20 -6.26
CA PRO A 79 4.49 -14.79 -5.21
C PRO A 79 5.81 -14.37 -5.77
N VAL A 80 6.63 -13.81 -4.91
CA VAL A 80 8.07 -13.73 -5.20
C VAL A 80 8.58 -15.09 -5.72
N PRO A 81 9.51 -15.08 -6.72
CA PRO A 81 10.21 -13.97 -7.41
C PRO A 81 9.40 -13.13 -8.40
N ALA A 82 8.31 -13.64 -8.94
CA ALA A 82 7.43 -12.86 -9.84
C ALA A 82 6.78 -11.68 -9.15
N LEU A 83 6.08 -11.95 -8.05
CA LEU A 83 5.31 -10.89 -7.38
C LEU A 83 4.42 -10.15 -8.38
N GLU A 84 3.53 -10.89 -9.02
CA GLU A 84 2.59 -10.39 -10.02
C GLU A 84 1.25 -10.31 -9.33
N ASN A 85 0.46 -9.30 -9.68
CA ASN A 85 -0.91 -9.09 -9.17
C ASN A 85 -0.98 -9.10 -7.64
N ASN A 86 -0.15 -8.26 -7.01
CA ASN A 86 0.08 -8.39 -5.59
C ASN A 86 -0.92 -7.65 -4.72
N LEU A 87 -2.18 -8.14 -4.73
CA LEU A 87 -3.28 -7.45 -4.11
C LEU A 87 -4.15 -8.50 -3.49
N ALA A 88 -4.76 -8.17 -2.35
CA ALA A 88 -5.66 -9.03 -1.62
C ALA A 88 -6.75 -8.15 -1.06
N LEU A 89 -7.97 -8.66 -1.02
CA LEU A 89 -9.06 -7.93 -0.40
C LEU A 89 -9.46 -8.62 0.96
N LEU A 90 -9.56 -7.82 2.02
CA LEU A 90 -9.84 -8.38 3.34
C LEU A 90 -11.18 -7.94 3.77
N GLN A 91 -12.06 -8.87 4.13
CA GLN A 91 -13.44 -8.54 4.54
C GLN A 91 -13.51 -8.38 6.04
N LEU A 92 -13.88 -7.20 6.47
CA LEU A 92 -14.01 -6.89 7.88
C LEU A 92 -15.16 -7.63 8.48
N ASP A 93 -15.04 -7.95 9.76
CA ASP A 93 -16.13 -8.61 10.42
C ASP A 93 -17.06 -7.61 11.07
N GLY A 94 -17.54 -6.66 10.28
CA GLY A 94 -18.36 -5.54 10.77
C GLY A 94 -18.44 -4.57 9.60
N LYS A 95 -18.99 -3.39 9.84
CA LYS A 95 -19.25 -2.44 8.75
C LYS A 95 -18.87 -1.10 9.31
N VAL A 96 -18.03 -0.37 8.58
CA VAL A 96 -17.61 0.95 9.02
C VAL A 96 -18.74 1.97 8.85
N LYS A 97 -19.05 2.70 9.93
CA LYS A 97 -19.90 3.89 9.86
C LYS A 97 -18.97 5.07 9.67
N PRO A 98 -19.04 5.74 8.50
CA PRO A 98 -18.05 6.79 8.17
C PRO A 98 -18.12 7.95 9.16
N SER A 99 -16.97 8.31 9.73
CA SER A 99 -16.84 9.46 10.62
C SER A 99 -15.76 10.41 10.11
N ARG A 100 -15.17 11.18 11.01
CA ARG A 100 -14.09 12.11 10.64
C ARG A 100 -12.72 11.43 10.64
N THR A 101 -12.61 10.30 11.33
CA THR A 101 -11.32 9.61 11.42
C THR A 101 -11.28 8.31 10.63
N ILE A 102 -12.45 7.88 10.15
CA ILE A 102 -12.59 6.62 9.43
C ILE A 102 -13.59 6.73 8.30
N ARG A 103 -13.11 6.65 7.06
CA ARG A 103 -13.97 6.67 5.89
C ARG A 103 -13.26 6.00 4.71
N PRO A 104 -14.03 5.32 3.81
CA PRO A 104 -13.39 4.71 2.65
C PRO A 104 -12.88 5.73 1.63
N LEU A 105 -11.83 5.38 0.91
CA LEU A 105 -11.40 6.14 -0.25
C LEU A 105 -12.00 5.57 -1.55
N ALA A 106 -12.60 6.45 -2.33
CA ALA A 106 -13.19 6.06 -3.58
C ALA A 106 -12.13 5.39 -4.49
N LEU A 107 -12.58 4.39 -5.24
CA LEU A 107 -11.79 3.80 -6.29
C LEU A 107 -11.73 4.74 -7.49
N PRO A 108 -10.66 4.64 -8.28
CA PRO A 108 -10.62 5.42 -9.52
C PRO A 108 -11.50 4.81 -10.64
N SER A 109 -11.90 5.56 -11.65
CA SER A 109 -12.46 4.94 -12.86
C SER A 109 -11.51 3.79 -13.33
N LYS A 110 -12.04 2.81 -14.05
CA LYS A 110 -11.19 1.73 -14.58
C LYS A 110 -10.30 2.25 -15.75
N ARG A 111 -10.55 3.48 -16.18
CA ARG A 111 -9.84 4.07 -17.31
C ARG A 111 -8.71 5.00 -16.90
N GLN A 112 -8.43 5.06 -15.59
CA GLN A 112 -7.33 5.84 -15.04
C GLN A 112 -5.94 5.37 -15.49
N VAL A 113 -5.15 6.31 -16.00
CA VAL A 113 -3.75 6.03 -16.33
C VAL A 113 -2.86 6.82 -15.35
N VAL A 114 -1.93 6.13 -14.68
CA VAL A 114 -0.90 6.79 -13.85
C VAL A 114 0.30 7.05 -14.77
N ALA A 115 0.23 8.13 -15.55
CA ALA A 115 1.31 8.66 -16.39
C ALA A 115 2.58 9.01 -15.62
N ALA A 116 3.74 8.85 -16.26
CA ALA A 116 4.99 9.35 -15.68
C ALA A 116 4.88 10.84 -15.38
N GLY A 117 5.44 11.25 -14.26
CA GLY A 117 5.41 12.67 -13.91
C GLY A 117 4.26 13.06 -12.99
N THR A 118 3.32 12.14 -12.80
CA THR A 118 2.23 12.32 -11.89
C THR A 118 2.77 12.47 -10.45
N ARG A 119 2.34 13.52 -9.78
CA ARG A 119 2.68 13.74 -8.40
C ARG A 119 1.70 13.00 -7.46
N CYS A 120 2.26 12.23 -6.55
CA CYS A 120 1.52 11.39 -5.65
C CYS A 120 2.03 11.54 -4.23
N SER A 121 1.40 10.81 -3.31
CA SER A 121 2.00 10.57 -2.02
C SER A 121 1.59 9.21 -1.52
N MET A 122 2.30 8.73 -0.51
CA MET A 122 1.84 7.57 0.22
C MET A 122 2.08 7.72 1.72
N ALA A 123 1.38 6.90 2.51
CA ALA A 123 1.46 6.94 3.94
C ALA A 123 1.73 5.57 4.52
N GLY A 124 2.44 5.53 5.64
CA GLY A 124 2.60 4.29 6.37
C GLY A 124 3.32 4.41 7.69
N TRP A 125 3.35 3.28 8.39
CA TRP A 125 3.93 3.16 9.70
C TRP A 125 5.19 2.34 9.56
N GLY A 126 5.66 2.15 8.33
CA GLY A 126 6.84 1.34 8.09
C GLY A 126 8.12 1.89 8.68
N LEU A 127 9.17 1.06 8.61
CA LEU A 127 10.49 1.35 9.21
C LEU A 127 10.92 2.78 8.87
N THR A 128 11.58 3.46 9.80
CA THR A 128 12.09 4.81 9.51
C THR A 128 13.61 4.84 9.23
N HIS A 129 14.25 3.68 9.30
CA HIS A 129 15.63 3.55 8.88
C HIS A 129 15.87 2.10 8.49
N GLN A 130 16.89 1.90 7.66
CA GLN A 130 17.27 0.57 7.22
C GLN A 130 17.50 -0.26 8.48
N GLY A 131 16.80 -1.38 8.59
CA GLY A 131 17.08 -2.31 9.70
C GLY A 131 16.73 -1.73 11.07
N GLY A 132 15.84 -0.76 11.08
CA GLY A 132 15.42 -0.09 12.29
C GLY A 132 14.08 -0.60 12.76
N ARG A 133 13.24 0.34 13.15
CA ARG A 133 11.99 0.03 13.79
C ARG A 133 10.83 0.72 13.13
N LEU A 134 9.64 0.17 13.36
CA LEU A 134 8.41 0.79 12.86
C LEU A 134 8.35 2.22 13.35
N SER A 135 7.73 3.08 12.54
CA SER A 135 7.39 4.41 13.01
C SER A 135 6.32 4.27 14.09
N ARG A 136 6.40 5.12 15.11
CA ARG A 136 5.37 5.22 16.13
C ARG A 136 4.11 5.97 15.69
N VAL A 137 4.24 6.79 14.66
CA VAL A 137 3.14 7.63 14.19
C VAL A 137 2.96 7.42 12.68
N LEU A 138 1.73 7.57 12.20
CA LEU A 138 1.50 7.54 10.77
C LEU A 138 2.37 8.61 10.05
N ARG A 139 3.06 8.22 8.98
CA ARG A 139 3.85 9.16 8.17
C ARG A 139 3.47 9.22 6.69
N GLU A 140 4.00 10.20 5.97
CA GLU A 140 3.74 10.37 4.55
C GLU A 140 5.03 10.78 3.82
N LEU A 141 5.13 10.41 2.54
CA LEU A 141 6.22 10.83 1.68
C LEU A 141 5.60 11.17 0.33
N ASP A 142 6.04 12.26 -0.28
CA ASP A 142 5.65 12.64 -1.65
C ASP A 142 6.49 11.82 -2.61
N LEU A 143 5.85 11.36 -3.67
CA LEU A 143 6.49 10.49 -4.67
C LEU A 143 6.05 10.92 -6.07
N GLN A 144 6.94 10.79 -7.06
CA GLN A 144 6.53 11.04 -8.44
C GLN A 144 6.64 9.73 -9.25
N VAL A 145 5.73 9.56 -10.21
CA VAL A 145 5.79 8.39 -11.08
C VAL A 145 6.89 8.56 -12.12
N LEU A 146 7.76 7.57 -12.17
CA LEU A 146 8.79 7.43 -13.19
C LEU A 146 8.35 6.69 -14.43
N ASP A 147 9.16 6.79 -15.48
CA ASP A 147 8.80 6.13 -16.72
C ASP A 147 9.15 4.66 -16.49
N THR A 148 8.21 3.77 -16.76
CA THR A 148 8.38 2.31 -16.62
C THR A 148 9.52 1.77 -17.47
N ARG A 149 9.60 2.16 -18.74
CA ARG A 149 10.71 1.72 -19.55
C ARG A 149 12.06 2.04 -18.92
N MET A 150 12.22 3.27 -18.44
CA MET A 150 13.44 3.64 -17.74
C MET A 150 13.60 2.85 -16.44
N CYS A 151 12.52 2.65 -15.70
CA CYS A 151 12.60 1.82 -14.52
C CYS A 151 12.98 0.34 -14.78
N ASN A 152 12.84 -0.11 -16.04
CA ASN A 152 13.06 -1.51 -16.46
C ASN A 152 14.42 -1.65 -17.07
N ASN A 153 15.13 -0.54 -17.06
CA ASN A 153 16.48 -0.47 -17.52
C ASN A 153 17.31 -1.57 -16.81
N SER A 154 18.36 -2.08 -17.46
CA SER A 154 19.13 -3.17 -16.86
C SER A 154 19.69 -2.89 -15.48
N ARG A 155 20.11 -1.66 -15.22
CA ARG A 155 20.67 -1.28 -13.93
C ARG A 155 19.60 -0.99 -12.89
N PHE A 156 18.37 -0.87 -13.35
CA PHE A 156 17.25 -0.71 -12.45
C PHE A 156 16.49 -2.01 -12.19
N TRP A 157 15.25 -2.07 -12.64
CA TRP A 157 14.46 -3.25 -12.44
C TRP A 157 14.49 -4.28 -13.57
N ASN A 158 15.40 -4.11 -14.53
CA ASN A 158 15.82 -5.23 -15.34
C ASN A 158 14.74 -5.88 -16.21
N GLY A 159 13.86 -5.07 -16.81
CA GLY A 159 12.80 -5.61 -17.68
C GLY A 159 11.71 -6.27 -16.87
N SER A 160 11.79 -6.18 -15.54
CA SER A 160 10.90 -6.98 -14.75
C SER A 160 9.57 -6.33 -14.37
N LEU A 161 9.35 -5.04 -14.68
CA LEU A 161 8.10 -4.40 -14.26
C LEU A 161 7.05 -4.54 -15.37
N SER A 162 5.85 -5.00 -15.03
CA SER A 162 4.74 -5.13 -16.02
C SER A 162 4.01 -3.81 -16.18
N PRO A 163 3.10 -3.71 -17.16
CA PRO A 163 2.30 -2.49 -17.34
C PRO A 163 1.29 -2.19 -16.21
N SER A 164 1.06 -3.13 -15.29
CA SER A 164 0.16 -2.86 -14.15
C SER A 164 0.95 -2.33 -12.95
N MET A 165 2.24 -2.02 -13.16
CA MET A 165 3.18 -1.63 -12.06
C MET A 165 3.60 -0.17 -12.15
N VAL A 166 3.64 0.52 -11.02
CA VAL A 166 3.84 1.97 -11.01
C VAL A 166 5.19 2.20 -10.34
N CYS A 167 6.10 2.86 -11.05
CA CYS A 167 7.47 2.97 -10.58
C CYS A 167 7.64 4.35 -9.93
N LEU A 168 8.28 4.41 -8.76
CA LEU A 168 8.20 5.61 -7.91
C LEU A 168 9.54 6.17 -7.45
N ALA A 169 9.62 7.48 -7.35
CA ALA A 169 10.80 8.09 -6.79
C ALA A 169 10.41 9.24 -5.89
N ALA A 170 11.04 9.28 -4.73
CA ALA A 170 10.97 10.47 -3.86
C ALA A 170 11.77 11.60 -4.47
N ASP A 171 11.63 12.80 -3.89
CA ASP A 171 12.35 13.97 -4.31
C ASP A 171 13.84 13.87 -3.96
N SER A 172 14.18 13.07 -2.97
CA SER A 172 15.58 12.93 -2.59
C SER A 172 15.95 11.50 -2.39
N LYS A 173 17.25 11.27 -2.39
CA LYS A 173 17.82 9.92 -2.47
C LYS A 173 17.61 9.10 -1.20
N ASP A 174 17.45 9.79 -0.08
CA ASP A 174 17.36 9.17 1.21
C ASP A 174 15.93 9.15 1.75
N GLN A 175 14.95 9.10 0.84
CA GLN A 175 13.53 9.01 1.22
C GLN A 175 12.94 7.88 0.50
N ALA A 176 12.36 6.92 1.23
CA ALA A 176 11.70 5.79 0.61
C ALA A 176 10.73 5.11 1.60
N PRO A 177 9.66 4.46 1.09
CA PRO A 177 8.90 3.55 1.99
C PRO A 177 9.80 2.39 2.37
N CYS A 178 9.46 1.66 3.41
CA CYS A 178 10.39 0.62 3.84
C CYS A 178 9.48 -0.41 4.52
N LYS A 179 10.04 -1.45 5.14
CA LYS A 179 9.27 -2.60 5.61
C LYS A 179 8.10 -2.13 6.51
N GLY A 180 6.87 -2.55 6.22
CA GLY A 180 5.70 -2.11 6.98
C GLY A 180 4.81 -1.26 6.15
N ASP A 181 5.36 -0.66 5.06
CA ASP A 181 4.60 0.28 4.24
C ASP A 181 3.81 -0.31 3.09
N SER A 182 4.11 -1.56 2.74
CA SER A 182 3.38 -2.17 1.65
C SER A 182 1.93 -2.38 2.02
N GLY A 183 1.06 -2.39 1.00
CA GLY A 183 -0.37 -2.47 1.16
C GLY A 183 -0.98 -1.09 1.29
N GLY A 184 -0.12 -0.13 1.60
CA GLY A 184 -0.56 1.21 1.84
C GLY A 184 -0.92 1.81 0.50
N PRO A 185 -1.76 2.83 0.48
CA PRO A 185 -2.26 3.47 -0.76
C PRO A 185 -1.33 4.56 -1.39
N LEU A 186 -1.19 4.51 -2.71
CA LEU A 186 -0.58 5.59 -3.46
C LEU A 186 -1.73 6.48 -3.95
N VAL A 187 -1.80 7.73 -3.46
CA VAL A 187 -2.80 8.65 -3.98
C VAL A 187 -2.14 9.81 -4.78
N CYS A 188 -2.75 10.19 -5.91
CA CYS A 188 -2.12 11.07 -6.89
C CYS A 188 -2.96 12.27 -7.28
N GLY A 189 -2.29 13.37 -7.62
CA GLY A 189 -2.92 14.59 -8.08
C GLY A 189 -3.56 15.48 -7.02
N LYS A 190 -4.15 16.59 -7.48
CA LYS A 190 -4.89 17.56 -6.66
C LYS A 190 -6.01 16.89 -5.85
N GLY A 191 -6.71 15.94 -6.48
CA GLY A 191 -7.87 15.30 -5.85
C GLY A 191 -7.50 14.16 -4.93
N ARG A 192 -6.19 13.93 -4.75
CA ARG A 192 -5.74 12.85 -3.90
C ARG A 192 -6.62 11.61 -4.16
N VAL A 193 -6.57 11.14 -5.41
CA VAL A 193 -7.34 9.99 -5.92
C VAL A 193 -6.59 8.68 -5.73
N LEU A 194 -7.26 7.61 -5.35
CA LEU A 194 -6.60 6.30 -5.18
C LEU A 194 -6.00 5.83 -6.50
N ALA A 195 -4.70 5.54 -6.50
CA ALA A 195 -4.09 5.16 -7.78
C ALA A 195 -3.22 3.93 -7.67
N GLY A 196 -2.78 3.62 -6.46
CA GLY A 196 -1.89 2.48 -6.29
C GLY A 196 -1.96 1.88 -4.92
N VAL A 197 -1.44 0.65 -4.82
CA VAL A 197 -1.16 -0.02 -3.55
C VAL A 197 0.31 -0.46 -3.58
N LEU A 198 1.10 0.01 -2.62
CA LEU A 198 2.51 -0.32 -2.59
C LEU A 198 2.84 -1.81 -2.45
N SER A 199 3.90 -2.24 -3.15
CA SER A 199 4.18 -3.66 -3.31
C SER A 199 5.59 -4.02 -2.81
N PHE A 200 6.62 -3.50 -3.49
CA PHE A 200 7.99 -3.98 -3.25
C PHE A 200 9.06 -2.95 -3.53
N SER A 201 10.28 -3.27 -3.13
CA SER A 201 11.45 -2.56 -3.58
C SER A 201 12.50 -3.61 -3.51
N SER A 202 13.71 -3.19 -3.14
CA SER A 202 14.87 -4.01 -2.86
C SER A 202 14.97 -4.23 -1.35
N ARG A 203 15.95 -5.03 -0.92
CA ARG A 203 16.24 -5.21 0.51
C ARG A 203 16.73 -3.91 1.20
N VAL A 204 17.50 -3.10 0.49
CA VAL A 204 17.85 -1.76 0.96
C VAL A 204 16.77 -0.79 0.43
N CYS A 205 16.03 -0.10 1.29
CA CYS A 205 14.79 0.64 0.86
C CYS A 205 15.07 1.91 0.04
N THR A 206 16.22 2.55 0.35
CA THR A 206 16.71 3.76 -0.36
C THR A 206 17.66 3.44 -1.57
N ASP A 207 17.85 2.17 -1.89
CA ASP A 207 18.63 1.77 -3.08
C ASP A 207 18.12 2.50 -4.33
N ILE A 208 18.92 3.42 -4.88
CA ILE A 208 18.41 4.27 -5.94
C ILE A 208 18.25 3.53 -7.26
N PHE A 209 18.90 2.38 -7.38
CA PHE A 209 18.82 1.58 -8.58
C PHE A 209 17.67 0.58 -8.49
N LYS A 210 16.90 0.61 -7.40
CA LYS A 210 15.77 -0.33 -7.21
C LYS A 210 14.66 0.45 -6.54
N PRO A 211 14.01 1.34 -7.32
CA PRO A 211 12.99 2.24 -6.80
C PRO A 211 11.72 1.53 -6.38
N PRO A 212 10.99 2.13 -5.44
CA PRO A 212 9.77 1.53 -4.92
C PRO A 212 8.73 1.34 -6.06
N VAL A 213 7.93 0.27 -5.95
CA VAL A 213 6.87 0.05 -6.93
C VAL A 213 5.53 -0.33 -6.30
N ALA A 214 4.45 0.21 -6.86
CA ALA A 214 3.11 -0.05 -6.39
C ALA A 214 2.38 -0.77 -7.48
N THR A 215 1.35 -1.50 -7.13
CA THR A 215 0.45 -2.07 -8.13
C THR A 215 -0.51 -0.94 -8.46
N ALA A 216 -0.68 -0.64 -9.76
CA ALA A 216 -1.77 0.23 -10.23
C ALA A 216 -3.17 -0.30 -9.88
N VAL A 217 -4.05 0.53 -9.33
CA VAL A 217 -5.39 0.08 -8.95
C VAL A 217 -6.38 -0.01 -10.13
N ALA A 218 -6.28 0.93 -11.06
CA ALA A 218 -7.25 1.02 -12.16
C ALA A 218 -7.50 -0.32 -12.86
N PRO A 219 -6.40 -1.05 -13.27
CA PRO A 219 -6.68 -2.28 -14.03
C PRO A 219 -7.42 -3.30 -13.17
N TYR A 220 -7.46 -3.12 -11.86
CA TYR A 220 -8.08 -4.11 -10.96
C TYR A 220 -9.46 -3.66 -10.48
N VAL A 221 -9.88 -2.47 -10.86
CA VAL A 221 -11.14 -1.95 -10.36
C VAL A 221 -12.36 -2.90 -10.56
N SER A 222 -12.46 -3.62 -11.67
CA SER A 222 -13.67 -4.41 -11.89
C SER A 222 -13.73 -5.66 -10.99
N TRP A 223 -12.56 -6.23 -10.68
CA TRP A 223 -12.42 -7.35 -9.74
C TRP A 223 -12.71 -6.86 -8.35
N ILE A 224 -12.16 -5.70 -7.97
CA ILE A 224 -12.48 -5.12 -6.64
C ILE A 224 -13.99 -4.95 -6.51
N ARG A 225 -14.65 -4.50 -7.60
CA ARG A 225 -16.09 -4.30 -7.58
C ARG A 225 -16.87 -5.59 -7.43
N LYS A 226 -16.52 -6.60 -8.23
CA LYS A 226 -17.10 -7.95 -8.10
C LYS A 226 -16.97 -8.51 -6.67
N VAL A 227 -15.74 -8.47 -6.14
CA VAL A 227 -15.47 -9.00 -4.81
C VAL A 227 -16.19 -8.27 -3.68
N THR A 228 -16.15 -6.93 -3.65
CA THR A 228 -16.82 -6.16 -2.58
C THR A 228 -18.34 -6.06 -2.78
N GLY A 229 -18.83 -6.60 -3.87
CA GLY A 229 -20.25 -6.57 -4.17
C GLY A 229 -20.86 -5.21 -4.48
N ARG A 230 -20.29 -4.53 -5.47
CA ARG A 230 -21.05 -3.55 -6.23
C ARG A 230 -20.91 -3.85 -7.73
N SER A 231 -21.33 -2.89 -8.55
CA SER A 231 -20.61 -2.62 -9.82
C SER A 231 -20.68 -1.14 -10.19
N SER B 2 14.87 -12.27 -9.27
CA SER B 2 16.17 -12.00 -8.58
C SER B 2 15.94 -11.35 -7.21
N GLY B 3 15.82 -10.03 -7.20
CA GLY B 3 15.73 -9.30 -5.92
C GLY B 3 14.55 -8.40 -5.66
N LYS B 4 13.33 -8.83 -5.97
CA LYS B 4 12.14 -8.14 -5.44
C LYS B 4 11.97 -8.49 -3.95
N VAL B 5 11.87 -7.49 -3.10
CA VAL B 5 11.63 -7.70 -1.68
C VAL B 5 10.32 -7.02 -1.29
N PRO B 6 9.26 -7.80 -1.00
CA PRO B 6 8.04 -7.11 -0.58
C PRO B 6 8.37 -6.08 0.51
N LEU B 7 7.77 -4.89 0.43
CA LEU B 7 7.70 -4.00 1.63
C LEU B 7 6.90 -4.64 2.79
N SER B 8 6.91 -5.98 2.80
CA SER B 8 6.24 -6.90 3.73
C SER B 8 6.07 -6.50 5.19
S SO4 C . -21.59 -9.58 2.61
O1 SO4 C . -22.36 -10.46 3.51
O2 SO4 C . -21.08 -8.43 3.38
O3 SO4 C . -20.39 -10.21 2.06
O4 SO4 C . -22.50 -9.22 1.51
S SO4 D . -9.44 -8.92 20.01
O1 SO4 D . -9.58 -10.41 20.30
O2 SO4 D . -8.91 -8.41 21.34
O3 SO4 D . -8.41 -8.63 18.82
O4 SO4 D . -10.84 -8.23 19.60
S SO4 E . -3.75 17.43 -10.79
O1 SO4 E . -4.59 16.25 -10.38
O2 SO4 E . -2.62 17.62 -9.80
O3 SO4 E . -3.19 17.20 -12.18
O4 SO4 E . -4.60 18.61 -10.81
S SO4 F . -5.38 -19.79 9.38
O1 SO4 F . -5.77 -21.15 9.74
O2 SO4 F . -5.20 -19.00 10.60
O3 SO4 F . -4.13 -19.82 8.61
O4 SO4 F . -6.42 -19.15 8.59
#